data_3D65
#
_entry.id   3D65
#
_cell.length_a   79.838
_cell.length_b   79.838
_cell.length_c   107.394
_cell.angle_alpha   90.00
_cell.angle_beta   90.00
_cell.angle_gamma   120.00
#
_symmetry.space_group_name_H-M   'P 31 2 1'
#
loop_
_entity.id
_entity.type
_entity.pdbx_description
1 polymer Textilinin
2 polymer 'Cationic trypsin'
3 non-polymer 'CALCIUM ION'
4 water water
#
loop_
_entity_poly.entity_id
_entity_poly.type
_entity_poly.pdbx_seq_one_letter_code
_entity_poly.pdbx_strand_id
1 'polypeptide(L)' RPDFCELPADTGPCRVRFPSFYYNPDEKKCLEFIYGGCEGNANNFITKEECESTCAA I
2 'polypeptide(L)'
;IVGGYTCGANTVPYQVSLNSGYHFCGGSLINSQWVVSAAHCYKSGIQVRLGEDNINVVEGNEQFISASKSIVHPSYNSNT
LNNDIMLIKLKSAASLNSRVASISLPTSCASAGTQCLISGWGNTKSSGTSYPDVLKCLKAPILSDSSCKSAYPGQITSNM
FCAGYLEGGKDSCQGDSGGPVVCSGKLQGIVSWGSGCAQKNKPGVYTKVCNYVSWIKQTIASN
;
E
#
loop_
_chem_comp.id
_chem_comp.type
_chem_comp.name
_chem_comp.formula
CA non-polymer 'CALCIUM ION' 'Ca 2'
#
# COMPACT_ATOMS: atom_id res chain seq x y z
N ARG A 1 17.53 13.02 28.60
CA ARG A 1 16.88 12.51 27.34
C ARG A 1 15.91 11.38 27.65
N PRO A 2 14.70 11.42 27.03
CA PRO A 2 13.64 10.47 27.39
C PRO A 2 14.00 8.99 27.15
N ASP A 3 13.31 8.10 27.86
CA ASP A 3 13.52 6.66 27.73
C ASP A 3 13.23 6.13 26.32
N PHE A 4 12.23 6.73 25.66
CA PHE A 4 11.85 6.27 24.31
C PHE A 4 12.98 6.35 23.26
N CYS A 5 14.03 7.14 23.54
CA CYS A 5 15.16 7.28 22.60
C CYS A 5 15.87 5.95 22.40
N GLU A 6 15.63 5.04 23.34
CA GLU A 6 16.22 3.69 23.37
C GLU A 6 15.40 2.65 22.59
N LEU A 7 14.13 2.99 22.31
CA LEU A 7 13.25 2.08 21.57
C LEU A 7 13.77 1.83 20.15
N PRO A 8 13.57 0.60 19.63
CA PRO A 8 13.99 0.31 18.25
C PRO A 8 13.10 1.07 17.24
N ALA A 9 13.61 1.27 16.04
CA ALA A 9 12.79 1.84 14.97
C ALA A 9 11.60 0.93 14.76
N ASP A 10 10.39 1.49 14.63
CA ASP A 10 9.17 0.67 14.45
C ASP A 10 8.33 1.24 13.31
N THR A 11 8.41 0.58 12.16
CA THR A 11 7.69 1.02 10.98
C THR A 11 6.16 0.96 11.21
N GLY A 12 5.74 0.11 12.14
CA GLY A 12 4.32 -0.11 12.37
C GLY A 12 3.81 -1.04 11.25
N PRO A 13 2.53 -1.44 11.34
CA PRO A 13 2.00 -2.45 10.42
C PRO A 13 1.53 -1.89 9.06
N CYS A 14 1.10 -0.63 9.02
CA CYS A 14 0.57 -0.05 7.76
C CYS A 14 1.62 0.06 6.68
N ARG A 15 1.22 -0.04 5.42
CA ARG A 15 2.21 -0.06 4.39
C ARG A 15 2.27 1.24 3.51
N VAL A 16 1.97 2.39 4.15
CA VAL A 16 2.28 3.74 3.60
C VAL A 16 3.78 4.12 3.64
N ARG A 17 4.21 5.09 2.81
CA ARG A 17 5.57 5.63 2.95
C ARG A 17 5.57 7.03 3.62
N PHE A 18 6.07 7.10 4.86
CA PHE A 18 6.33 8.38 5.57
C PHE A 18 7.83 8.42 5.96
N PRO A 19 8.66 9.16 5.21
CA PRO A 19 10.05 9.37 5.58
C PRO A 19 10.17 9.96 7.02
N SER A 20 10.98 9.31 7.86
CA SER A 20 11.09 9.65 9.31
C SER A 20 12.51 9.43 9.83
N PHE A 21 12.71 9.80 11.08
CA PHE A 21 14.00 9.67 11.79
C PHE A 21 13.79 9.03 13.16
N TYR A 22 14.76 8.22 13.58
CA TYR A 22 14.75 7.63 14.92
C TYR A 22 16.18 7.70 15.49
N TYR A 23 16.27 7.74 16.81
CA TYR A 23 17.57 7.75 17.43
C TYR A 23 18.07 6.31 17.54
N ASN A 24 19.25 6.07 16.96
CA ASN A 24 19.97 4.80 17.12
C ASN A 24 21.12 4.90 18.19
N PRO A 25 20.91 4.33 19.40
CA PRO A 25 21.96 4.41 20.46
C PRO A 25 23.32 3.76 20.10
N ASP A 26 23.31 2.67 19.33
CA ASP A 26 24.57 2.02 18.94
C ASP A 26 25.40 2.84 17.97
N GLU A 27 24.76 3.74 17.23
CA GLU A 27 25.46 4.63 16.32
C GLU A 27 25.53 6.06 16.84
N LYS A 28 24.93 6.27 18.02
CA LYS A 28 24.88 7.58 18.70
C LYS A 28 24.42 8.75 17.79
N LYS A 29 23.54 8.42 16.83
CA LYS A 29 22.92 9.44 16.00
C LYS A 29 21.50 9.08 15.53
N CYS A 30 20.82 10.08 14.98
CA CYS A 30 19.53 9.91 14.36
C CYS A 30 19.66 9.46 12.92
N LEU A 31 18.97 8.36 12.61
CA LEU A 31 18.98 7.77 11.29
C LEU A 31 17.59 7.76 10.66
N GLU A 32 17.56 7.69 9.33
CA GLU A 32 16.32 7.55 8.59
C GLU A 32 15.69 6.17 8.73
N PHE A 33 14.36 6.15 8.80
CA PHE A 33 13.59 4.93 8.65
C PHE A 33 12.27 5.27 7.98
N ILE A 34 11.57 4.25 7.52
CA ILE A 34 10.31 4.51 6.91
C ILE A 34 9.16 4.13 7.85
N TYR A 35 8.36 5.12 8.20
CA TYR A 35 7.21 4.93 9.04
C TYR A 35 6.00 4.64 8.15
N GLY A 36 5.26 3.59 8.50
CA GLY A 36 4.13 3.15 7.68
C GLY A 36 2.80 3.89 7.87
N GLY A 37 2.75 4.81 8.84
CA GLY A 37 1.59 5.67 9.02
C GLY A 37 0.70 5.39 10.21
N CYS A 38 0.83 4.20 10.82
CA CYS A 38 0.00 3.84 11.98
C CYS A 38 0.84 3.16 13.06
N GLU A 39 0.39 3.28 14.32
CA GLU A 39 1.03 2.60 15.46
C GLU A 39 2.50 3.02 15.56
N GLY A 40 3.43 2.09 15.75
CA GLY A 40 4.83 2.48 15.93
C GLY A 40 5.07 2.86 17.39
N ASN A 41 6.10 3.65 17.64
CA ASN A 41 6.43 4.06 19.01
C ASN A 41 6.91 5.51 18.98
N ALA A 42 7.32 6.02 20.15
CA ALA A 42 7.62 7.43 20.28
C ALA A 42 8.98 7.84 19.66
N ASN A 43 9.84 6.87 19.30
CA ASN A 43 11.14 7.13 18.69
C ASN A 43 11.01 7.33 17.16
N ASN A 44 10.45 8.48 16.79
CA ASN A 44 9.84 8.67 15.48
C ASN A 44 9.65 10.17 15.34
N PHE A 45 10.49 10.76 14.48
CA PHE A 45 10.55 12.22 14.32
C PHE A 45 10.42 12.57 12.85
N ILE A 46 9.73 13.65 12.56
CA ILE A 46 9.58 14.11 11.19
C ILE A 46 10.88 14.78 10.74
N THR A 47 11.67 15.33 11.68
CA THR A 47 12.89 16.04 11.31
C THR A 47 14.07 15.41 12.05
N LYS A 48 15.21 15.39 11.38
CA LYS A 48 16.49 15.03 12.03
C LYS A 48 16.80 16.00 13.16
N GLU A 49 16.47 17.28 12.98
CA GLU A 49 16.74 18.29 14.01
C GLU A 49 16.11 17.94 15.34
N GLU A 50 14.82 17.61 15.30
CA GLU A 50 14.14 17.29 16.54
C GLU A 50 14.67 16.01 17.17
N CYS A 51 14.93 15.02 16.33
CA CYS A 51 15.47 13.75 16.78
C CYS A 51 16.78 13.98 17.57
N GLU A 52 17.70 14.77 17.00
CA GLU A 52 19.00 15.07 17.66
C GLU A 52 18.79 15.87 18.92
N SER A 53 18.01 16.95 18.81
CA SER A 53 17.66 17.79 19.94
C SER A 53 17.13 16.98 21.15
N THR A 54 16.28 15.98 20.88
CA THR A 54 15.59 15.22 21.93
C THR A 54 16.44 14.08 22.48
N CYS A 55 17.21 13.43 21.60
CA CYS A 55 17.82 12.12 21.91
C CYS A 55 19.36 12.06 21.84
N ALA A 56 20.00 13.01 21.14
CA ALA A 56 21.43 12.88 20.87
C ALA A 56 22.22 13.42 22.04
N ILE B 1 7.66 -3.47 -2.77
CA ILE B 1 7.64 -4.94 -3.13
C ILE B 1 9.05 -5.51 -2.88
N VAL B 2 9.10 -6.54 -2.04
CA VAL B 2 10.34 -7.22 -1.70
C VAL B 2 10.31 -8.58 -2.43
N GLY B 3 11.40 -8.91 -3.11
CA GLY B 3 11.52 -10.22 -3.79
C GLY B 3 10.79 -10.27 -5.12
N GLY B 4 10.37 -9.11 -5.63
CA GLY B 4 9.67 -9.07 -6.89
C GLY B 4 10.59 -8.92 -8.09
N TYR B 5 10.00 -8.48 -9.18
CA TYR B 5 10.72 -8.21 -10.42
C TYR B 5 10.20 -6.90 -11.02
N THR B 6 11.02 -6.30 -11.88
CA THR B 6 10.60 -5.17 -12.70
C THR B 6 9.45 -5.54 -13.66
N CYS B 7 8.30 -4.89 -13.51
CA CYS B 7 7.09 -5.20 -14.32
C CYS B 7 7.36 -5.00 -15.82
N GLY B 8 8.05 -3.92 -16.17
CA GLY B 8 8.10 -3.42 -17.55
C GLY B 8 7.12 -2.29 -17.70
N ALA B 9 7.54 -1.25 -18.40
CA ALA B 9 6.77 -0.03 -18.47
C ALA B 9 5.34 -0.28 -18.93
N ASN B 10 4.40 0.18 -18.10
CA ASN B 10 2.97 0.19 -18.44
C ASN B 10 2.30 -1.18 -18.68
N THR B 11 2.98 -2.24 -18.20
CA THR B 11 2.46 -3.63 -18.24
C THR B 11 1.34 -3.86 -17.18
N VAL B 12 1.21 -2.93 -16.23
CA VAL B 12 0.20 -3.01 -15.19
C VAL B 12 -0.60 -1.69 -15.30
N PRO B 13 -1.38 -1.52 -16.39
CA PRO B 13 -1.88 -0.17 -16.74
C PRO B 13 -2.95 0.41 -15.82
N TYR B 14 -3.46 -0.40 -14.88
CA TYR B 14 -4.44 0.02 -13.87
C TYR B 14 -3.74 0.51 -12.59
N GLN B 15 -2.43 0.31 -12.51
CA GLN B 15 -1.65 0.76 -11.32
C GLN B 15 -1.53 2.30 -11.34
N VAL B 16 -1.91 2.95 -10.25
CA VAL B 16 -1.64 4.40 -10.08
C VAL B 16 -0.70 4.63 -8.87
N SER B 17 -0.08 5.81 -8.90
CA SER B 17 0.70 6.35 -7.80
C SER B 17 -0.13 7.46 -7.16
N LEU B 18 -0.31 7.45 -5.83
CA LEU B 18 -0.91 8.61 -5.15
C LEU B 18 0.25 9.48 -4.67
N ASN B 19 0.13 10.79 -4.87
CA ASN B 19 1.28 11.66 -4.70
C ASN B 19 0.87 12.89 -3.93
N SER B 20 1.56 13.25 -2.69
CA SER B 20 1.24 14.47 -1.94
C SER B 20 2.56 15.27 -1.83
N GLY B 21 3.33 15.29 -2.90
CA GLY B 21 4.69 15.83 -2.84
C GLY B 21 5.68 14.79 -3.33
N TYR B 22 5.44 13.55 -2.90
CA TYR B 22 6.20 12.40 -3.29
C TYR B 22 5.18 11.25 -3.38
N HIS B 23 5.57 10.15 -3.98
CA HIS B 23 4.74 8.92 -3.98
C HIS B 23 4.59 8.46 -2.52
N PHE B 24 3.36 8.17 -2.09
CA PHE B 24 3.16 7.59 -0.73
C PHE B 24 2.30 6.31 -0.66
N CYS B 25 1.53 6.05 -1.71
CA CYS B 25 0.58 4.95 -1.74
C CYS B 25 0.31 4.61 -3.21
N GLY B 26 -0.06 3.35 -3.46
CA GLY B 26 -0.64 3.01 -4.71
C GLY B 26 -2.17 3.02 -4.71
N GLY B 27 -2.73 2.69 -5.87
CA GLY B 27 -4.15 2.53 -6.04
C GLY B 27 -4.42 1.85 -7.38
N SER B 28 -5.67 1.50 -7.62
CA SER B 28 -6.06 0.82 -8.85
C SER B 28 -7.20 1.64 -9.57
N LEU B 29 -7.05 1.86 -10.87
CA LEU B 29 -8.05 2.55 -11.71
C LEU B 29 -9.16 1.55 -12.03
N ILE B 30 -10.39 1.85 -11.62
CA ILE B 30 -11.53 0.95 -11.90
C ILE B 30 -12.49 1.48 -12.95
N ASN B 31 -12.35 2.76 -13.30
CA ASN B 31 -12.98 3.33 -14.50
C ASN B 31 -12.36 4.68 -14.76
N SER B 32 -12.84 5.41 -15.77
CA SER B 32 -12.14 6.64 -16.15
C SER B 32 -12.05 7.71 -15.07
N GLN B 33 -12.95 7.68 -14.08
CA GLN B 33 -12.90 8.71 -13.04
C GLN B 33 -12.78 8.25 -11.61
N TRP B 34 -12.49 6.96 -11.41
CA TRP B 34 -12.49 6.45 -10.03
C TRP B 34 -11.32 5.49 -9.79
N VAL B 35 -10.77 5.59 -8.56
CA VAL B 35 -9.58 4.82 -8.19
C VAL B 35 -9.90 4.19 -6.85
N VAL B 36 -9.56 2.91 -6.69
CA VAL B 36 -9.68 2.20 -5.40
C VAL B 36 -8.28 2.20 -4.72
N SER B 37 -8.27 2.57 -3.43
CA SER B 37 -7.04 2.52 -2.62
C SER B 37 -7.40 2.08 -1.19
N ALA B 38 -6.48 2.23 -0.24
CA ALA B 38 -6.73 1.87 1.16
C ALA B 38 -7.22 3.12 1.88
N ALA B 39 -8.13 2.92 2.84
CA ALA B 39 -8.61 4.02 3.70
C ALA B 39 -7.43 4.63 4.47
N HIS B 40 -6.46 3.80 4.91
CA HIS B 40 -5.33 4.41 5.64
C HIS B 40 -4.42 5.30 4.75
N CYS B 41 -4.64 5.35 3.44
CA CYS B 41 -3.89 6.22 2.56
C CYS B 41 -4.54 7.62 2.44
N TYR B 42 -5.66 7.83 3.14
CA TYR B 42 -6.38 9.09 2.99
C TYR B 42 -5.47 10.28 3.32
N LYS B 43 -5.46 11.26 2.42
CA LYS B 43 -4.87 12.58 2.69
C LYS B 43 -5.79 13.59 1.99
N SER B 44 -5.86 14.83 2.47
CA SER B 44 -6.45 15.86 1.64
C SER B 44 -5.43 16.23 0.55
N GLY B 45 -5.93 16.61 -0.61
CA GLY B 45 -5.07 17.12 -1.68
C GLY B 45 -4.18 16.17 -2.48
N ILE B 46 -4.59 14.91 -2.55
CA ILE B 46 -3.85 13.88 -3.31
C ILE B 46 -3.88 14.22 -4.79
N GLN B 47 -2.76 13.97 -5.47
CA GLN B 47 -2.71 13.99 -6.92
C GLN B 47 -2.50 12.55 -7.38
N VAL B 48 -3.37 12.09 -8.26
CA VAL B 48 -3.25 10.75 -8.81
C VAL B 48 -2.41 10.77 -10.07
N ARG B 49 -1.44 9.85 -10.15
CA ARG B 49 -0.53 9.71 -11.26
C ARG B 49 -0.74 8.39 -11.97
N LEU B 50 -1.33 8.50 -13.15
CA LEU B 50 -1.65 7.35 -13.97
C LEU B 50 -0.62 7.23 -15.04
N GLY B 51 -0.43 5.94 -15.83
CA GLY B 51 0.56 5.73 -16.84
C GLY B 51 1.99 5.81 -16.36
N GLU B 52 2.20 5.76 -15.05
CA GLU B 52 3.58 5.74 -14.50
C GLU B 52 4.35 4.46 -14.68
N ASP B 53 5.65 4.61 -14.95
CA ASP B 53 6.63 3.52 -14.76
C ASP B 53 7.73 4.03 -13.83
N ASN B 54 8.57 4.94 -14.35
CA ASN B 54 9.59 5.54 -13.50
C ASN B 54 8.93 6.77 -12.86
N ILE B 55 8.59 6.68 -11.57
CA ILE B 55 7.85 7.76 -10.91
C ILE B 55 8.71 9.01 -10.75
N ASN B 56 10.02 8.84 -10.95
CA ASN B 56 10.96 9.96 -10.77
C ASN B 56 11.32 10.71 -12.06
N VAL B 57 10.83 10.23 -13.20
CA VAL B 57 11.16 10.82 -14.49
C VAL B 57 9.92 10.80 -15.37
N VAL B 58 9.46 11.98 -15.80
CA VAL B 58 8.37 12.04 -16.79
C VAL B 58 8.86 11.40 -18.08
N GLU B 59 8.13 10.38 -18.53
CA GLU B 59 8.56 9.56 -19.67
C GLU B 59 7.62 9.72 -20.88
N GLY B 60 6.42 10.23 -20.65
CA GLY B 60 5.55 10.66 -21.75
C GLY B 60 4.16 10.08 -21.78
N ASN B 61 3.94 8.98 -21.05
CA ASN B 61 2.59 8.39 -21.02
C ASN B 61 1.78 8.64 -19.75
N GLU B 62 2.31 9.48 -18.86
CA GLU B 62 1.64 9.79 -17.61
C GLU B 62 0.44 10.74 -17.80
N GLN B 63 -0.51 10.60 -16.89
CA GLN B 63 -1.57 11.56 -16.68
C GLN B 63 -1.57 11.88 -15.20
N PHE B 64 -1.33 13.15 -14.85
CA PHE B 64 -1.46 13.56 -13.45
C PHE B 64 -2.79 14.28 -13.33
N ILE B 65 -3.63 13.79 -12.43
CA ILE B 65 -4.96 14.33 -12.20
C ILE B 65 -5.25 14.46 -10.71
N SER B 66 -5.66 15.65 -10.29
CA SER B 66 -6.07 15.87 -8.90
C SER B 66 -7.27 15.03 -8.47
N ALA B 67 -7.25 14.60 -7.22
CA ALA B 67 -8.41 13.96 -6.61
C ALA B 67 -9.44 15.05 -6.26
N SER B 68 -10.69 14.90 -6.70
CA SER B 68 -11.75 15.82 -6.30
C SER B 68 -12.44 15.38 -5.00
N LYS B 69 -12.62 14.07 -4.82
CA LYS B 69 -13.16 13.51 -3.59
C LYS B 69 -12.31 12.28 -3.21
N SER B 70 -12.12 12.09 -1.92
CA SER B 70 -11.54 10.85 -1.40
C SER B 70 -12.48 10.37 -0.33
N ILE B 71 -13.14 9.25 -0.63
CA ILE B 71 -14.21 8.73 0.21
C ILE B 71 -13.76 7.44 0.91
N VAL B 72 -13.48 7.54 2.21
CA VAL B 72 -13.12 6.37 3.02
C VAL B 72 -14.39 5.58 3.34
N HIS B 73 -14.28 4.23 3.40
CA HIS B 73 -15.40 3.43 3.83
C HIS B 73 -15.99 3.93 5.17
N PRO B 74 -17.32 4.11 5.23
CA PRO B 74 -17.99 4.63 6.45
C PRO B 74 -17.75 3.75 7.71
N SER B 75 -17.39 2.48 7.55
CA SER B 75 -17.10 1.65 8.74
C SER B 75 -15.60 1.44 9.00
N TYR B 76 -14.77 2.18 8.26
CA TYR B 76 -13.31 2.11 8.41
C TYR B 76 -12.92 2.29 9.87
N ASN B 77 -12.16 1.33 10.41
CA ASN B 77 -11.68 1.42 11.77
C ASN B 77 -10.16 1.58 11.73
N SER B 78 -9.65 2.79 11.98
CA SER B 78 -8.20 3.00 11.97
C SER B 78 -7.40 2.21 13.03
N ASN B 79 -8.06 1.71 14.08
CA ASN B 79 -7.36 0.94 15.08
C ASN B 79 -7.13 -0.52 14.67
N THR B 80 -8.06 -1.11 13.92
CA THR B 80 -7.94 -2.53 13.59
C THR B 80 -7.71 -2.68 12.10
N LEU B 81 -7.82 -1.58 11.37
CA LEU B 81 -7.71 -1.54 9.88
C LEU B 81 -8.80 -2.34 9.18
N ASN B 82 -9.87 -2.63 9.93
CA ASN B 82 -11.07 -3.28 9.36
C ASN B 82 -11.71 -2.29 8.37
N ASN B 83 -12.17 -2.83 7.23
CA ASN B 83 -12.74 -1.99 6.14
C ASN B 83 -11.75 -0.93 5.55
N ASP B 84 -10.53 -1.37 5.24
CA ASP B 84 -9.43 -0.50 4.79
C ASP B 84 -9.55 -0.33 3.26
N ILE B 85 -10.53 0.50 2.89
CA ILE B 85 -10.81 0.76 1.46
C ILE B 85 -11.31 2.20 1.31
N MET B 86 -10.94 2.79 0.20
CA MET B 86 -11.22 4.21 -0.08
C MET B 86 -11.45 4.31 -1.57
N LEU B 87 -12.37 5.21 -1.94
CA LEU B 87 -12.58 5.49 -3.34
C LEU B 87 -12.17 6.93 -3.60
N ILE B 88 -11.43 7.11 -4.66
CA ILE B 88 -10.95 8.46 -5.06
C ILE B 88 -11.57 8.82 -6.40
N LYS B 89 -12.31 9.92 -6.43
CA LYS B 89 -12.82 10.45 -7.71
C LYS B 89 -11.78 11.44 -8.27
N LEU B 90 -11.55 11.33 -9.56
CA LEU B 90 -10.62 12.19 -10.31
C LEU B 90 -11.35 13.49 -10.71
N LYS B 91 -10.69 14.62 -10.46
CA LYS B 91 -11.26 15.92 -10.87
C LYS B 91 -11.79 15.95 -12.31
N SER B 92 -11.06 15.31 -13.22
CA SER B 92 -11.47 15.08 -14.60
C SER B 92 -11.23 13.60 -15.00
N ALA B 93 -12.03 13.07 -15.92
CA ALA B 93 -11.91 11.67 -16.32
C ALA B 93 -10.57 11.46 -17.02
N ALA B 94 -9.90 10.35 -16.71
CA ALA B 94 -8.67 9.96 -17.42
C ALA B 94 -8.99 9.60 -18.85
N SER B 95 -7.97 9.68 -19.68
CA SER B 95 -8.02 9.21 -21.06
C SER B 95 -7.54 7.79 -21.13
N LEU B 96 -8.48 6.87 -21.30
CA LEU B 96 -8.12 5.45 -21.29
C LEU B 96 -7.48 5.02 -22.60
N ASN B 97 -6.42 4.25 -22.47
CA ASN B 97 -5.63 3.79 -23.61
C ASN B 97 -4.90 2.51 -23.21
N SER B 98 -3.96 2.05 -24.03
CA SER B 98 -3.29 0.77 -23.71
C SER B 98 -2.40 0.85 -22.45
N ARG B 99 -1.95 2.07 -22.10
CA ARG B 99 -1.08 2.31 -20.93
C ARG B 99 -1.84 2.79 -19.69
N VAL B 100 -3.11 3.18 -19.88
CA VAL B 100 -3.94 3.66 -18.80
C VAL B 100 -5.29 3.01 -18.98
N ALA B 101 -5.48 1.95 -18.19
CA ALA B 101 -6.64 1.08 -18.39
C ALA B 101 -7.23 0.69 -17.04
N SER B 102 -8.53 0.50 -17.01
CA SER B 102 -9.17 0.10 -15.77
C SER B 102 -9.03 -1.41 -15.53
N ILE B 103 -9.18 -1.80 -14.27
CA ILE B 103 -9.20 -3.23 -13.89
C ILE B 103 -10.62 -3.62 -13.43
N SER B 104 -11.10 -4.79 -13.88
CA SER B 104 -12.43 -5.26 -13.47
C SER B 104 -12.55 -5.56 -11.98
N LEU B 105 -13.75 -5.34 -11.45
CA LEU B 105 -14.10 -5.69 -10.08
C LEU B 105 -14.51 -7.18 -10.07
N PRO B 106 -14.38 -7.85 -8.91
CA PRO B 106 -14.67 -9.27 -8.90
C PRO B 106 -16.19 -9.49 -9.14
N THR B 107 -16.56 -10.66 -9.66
CA THR B 107 -17.97 -11.08 -9.62
C THR B 107 -18.15 -12.27 -8.64
N SER B 108 -16.93 -12.89 -7.90
CA SER B 108 -17.03 -13.81 -6.78
C SER B 108 -15.69 -13.64 -6.11
N CYS B 109 -15.60 -14.10 -4.88
CA CYS B 109 -14.36 -14.01 -4.15
C CYS B 109 -13.37 -15.02 -4.71
N ALA B 110 -12.09 -14.76 -4.50
CA ALA B 110 -11.02 -15.69 -4.94
C ALA B 110 -10.74 -16.72 -3.84
N SER B 111 -10.24 -17.89 -4.22
CA SER B 111 -9.97 -18.86 -3.18
C SER B 111 -8.47 -19.02 -2.95
N ALA B 112 -8.24 -19.58 -1.66
CA ALA B 112 -6.83 -19.81 -1.30
C ALA B 112 -6.07 -20.59 -2.39
N GLY B 113 -4.81 -20.24 -2.54
CA GLY B 113 -3.95 -20.90 -3.53
C GLY B 113 -3.98 -20.22 -4.90
N THR B 114 -5.02 -19.40 -5.17
CA THR B 114 -5.08 -18.64 -6.44
C THR B 114 -3.88 -17.68 -6.57
N GLN B 115 -3.28 -17.62 -7.75
CA GLN B 115 -2.06 -16.82 -7.90
C GLN B 115 -2.53 -15.40 -8.25
N CYS B 116 -1.92 -14.41 -7.61
CA CYS B 116 -2.22 -12.99 -7.83
C CYS B 116 -0.99 -12.19 -8.17
N LEU B 117 -1.25 -11.04 -8.83
CA LEU B 117 -0.22 -10.07 -9.15
C LEU B 117 -0.36 -8.86 -8.22
N ILE B 118 0.67 -8.64 -7.43
CA ILE B 118 0.72 -7.54 -6.48
C ILE B 118 1.83 -6.59 -6.98
N SER B 119 1.58 -5.27 -6.97
CA SER B 119 2.53 -4.36 -7.60
C SER B 119 2.63 -3.04 -6.84
N GLY B 120 3.75 -2.33 -7.01
CA GLY B 120 3.87 -0.98 -6.39
C GLY B 120 5.33 -0.52 -6.38
N TRP B 121 5.50 0.70 -5.88
CA TRP B 121 6.78 1.38 -5.85
C TRP B 121 7.32 1.41 -4.41
N GLY B 122 6.81 0.49 -3.58
CA GLY B 122 7.18 0.45 -2.18
C GLY B 122 8.63 -0.10 -1.98
N ASN B 123 9.03 -0.14 -0.73
CA ASN B 123 10.36 -0.55 -0.34
C ASN B 123 10.63 -1.96 -0.90
N THR B 124 11.87 -2.17 -1.34
CA THR B 124 12.29 -3.47 -1.93
C THR B 124 13.16 -4.33 -0.99
N LYS B 125 13.38 -3.84 0.21
CA LYS B 125 14.30 -4.49 1.14
C LYS B 125 13.55 -4.90 2.38
N SER B 126 13.75 -6.16 2.80
CA SER B 126 13.15 -6.69 4.04
C SER B 126 13.94 -6.20 5.26
N SER B 127 15.18 -5.76 5.03
CA SER B 127 16.03 -5.22 6.08
C SER B 127 16.87 -4.07 5.52
N GLY B 128 16.32 -2.87 5.56
CA GLY B 128 16.92 -1.70 4.94
C GLY B 128 15.87 -0.92 4.16
N THR B 129 16.31 0.12 3.48
CA THR B 129 15.43 1.00 2.70
C THR B 129 16.01 1.17 1.31
N SER B 130 15.26 0.74 0.31
CA SER B 130 15.61 0.98 -1.07
C SER B 130 14.32 1.10 -1.87
N TYR B 131 14.03 2.32 -2.34
CA TYR B 131 12.84 2.55 -3.16
C TYR B 131 13.19 2.50 -4.64
N PRO B 132 12.36 1.81 -5.43
CA PRO B 132 12.71 1.69 -6.84
C PRO B 132 12.25 2.90 -7.66
N ASP B 133 12.93 3.16 -8.77
CA ASP B 133 12.39 4.18 -9.70
C ASP B 133 11.19 3.57 -10.41
N VAL B 134 11.35 2.32 -10.88
CA VAL B 134 10.32 1.70 -11.71
C VAL B 134 9.39 0.76 -10.94
N LEU B 135 8.24 0.49 -11.54
CA LEU B 135 7.21 -0.33 -10.94
C LEU B 135 7.67 -1.79 -10.74
N LYS B 136 7.49 -2.26 -9.53
CA LYS B 136 7.83 -3.67 -9.21
C LYS B 136 6.57 -4.53 -9.09
N CYS B 137 6.76 -5.83 -9.39
CA CYS B 137 5.69 -6.80 -9.48
C CYS B 137 6.03 -8.05 -8.66
N LEU B 138 4.98 -8.71 -8.17
CA LEU B 138 5.18 -9.96 -7.40
C LEU B 138 4.00 -10.89 -7.65
N LYS B 139 4.32 -12.14 -8.02
CA LYS B 139 3.25 -13.12 -8.13
C LYS B 139 3.21 -13.86 -6.79
N ALA B 140 2.04 -13.88 -6.18
CA ALA B 140 1.87 -14.49 -4.86
C ALA B 140 0.52 -15.17 -4.73
N PRO B 141 0.48 -16.33 -4.03
CA PRO B 141 -0.88 -16.93 -3.86
C PRO B 141 -1.63 -16.38 -2.66
N ILE B 142 -2.94 -16.47 -2.74
CA ILE B 142 -3.78 -16.23 -1.57
C ILE B 142 -3.57 -17.36 -0.57
N LEU B 143 -3.43 -17.00 0.71
CA LEU B 143 -3.28 -18.03 1.76
C LEU B 143 -4.61 -18.35 2.42
N SER B 144 -4.68 -19.56 2.97
CA SER B 144 -5.83 -20.02 3.72
C SER B 144 -6.07 -19.12 4.94
N ASP B 145 -7.33 -18.91 5.23
CA ASP B 145 -7.69 -18.19 6.45
C ASP B 145 -7.07 -18.74 7.73
N SER B 146 -6.94 -20.06 7.80
CA SER B 146 -6.31 -20.62 8.99
C SER B 146 -4.83 -20.18 9.08
N SER B 147 -4.11 -20.16 7.95
CA SER B 147 -2.69 -19.71 7.96
C SER B 147 -2.59 -18.23 8.36
N CYS B 148 -3.53 -17.45 7.84
CA CYS B 148 -3.55 -15.98 8.04
C CYS B 148 -3.80 -15.73 9.57
N LYS B 149 -4.81 -16.39 10.10
CA LYS B 149 -5.19 -16.28 11.53
C LYS B 149 -4.13 -16.81 12.48
N SER B 150 -3.43 -17.86 12.05
CA SER B 150 -2.33 -18.39 12.85
C SER B 150 -1.19 -17.34 12.92
N ALA B 151 -0.92 -16.63 11.82
CA ALA B 151 0.17 -15.63 11.78
C ALA B 151 -0.19 -14.40 12.60
N TYR B 152 -1.46 -14.08 12.65
CA TYR B 152 -1.93 -12.79 13.18
C TYR B 152 -3.14 -13.02 14.12
N PRO B 153 -2.88 -13.67 15.29
CA PRO B 153 -4.02 -14.10 16.10
C PRO B 153 -4.96 -12.96 16.47
N GLY B 154 -6.25 -13.17 16.20
CA GLY B 154 -7.28 -12.24 16.62
C GLY B 154 -7.36 -10.98 15.77
N GLN B 155 -6.46 -10.84 14.77
CA GLN B 155 -6.34 -9.59 13.95
C GLN B 155 -7.03 -9.61 12.59
N ILE B 156 -7.47 -10.78 12.16
CA ILE B 156 -7.89 -10.98 10.77
C ILE B 156 -9.43 -11.01 10.74
N THR B 157 -10.02 -9.99 10.14
CA THR B 157 -11.50 -9.99 10.08
C THR B 157 -11.94 -10.66 8.77
N SER B 158 -13.26 -10.79 8.57
CA SER B 158 -13.75 -11.35 7.34
C SER B 158 -13.53 -10.46 6.11
N ASN B 159 -13.12 -9.21 6.33
CA ASN B 159 -12.78 -8.27 5.24
C ASN B 159 -11.26 -8.20 4.89
N MET B 160 -10.51 -9.21 5.37
CA MET B 160 -9.09 -9.31 5.14
C MET B 160 -8.73 -10.69 4.64
N PHE B 161 -7.69 -10.74 3.83
CA PHE B 161 -7.03 -12.04 3.53
C PHE B 161 -5.51 -11.84 3.45
N CYS B 162 -4.78 -12.94 3.62
CA CYS B 162 -3.31 -12.92 3.57
C CYS B 162 -2.95 -13.46 2.18
N ALA B 163 -1.85 -12.97 1.66
CA ALA B 163 -1.29 -13.48 0.39
C ALA B 163 0.22 -13.44 0.56
N GLY B 164 0.95 -14.37 -0.03
CA GLY B 164 2.43 -14.28 0.04
C GLY B 164 3.01 -15.66 0.29
N TYR B 165 4.08 -15.66 1.08
CA TYR B 165 4.96 -16.81 1.28
C TYR B 165 5.35 -16.89 2.72
N LEU B 166 4.87 -17.92 3.39
CA LEU B 166 5.19 -18.09 4.80
C LEU B 166 6.71 -18.29 5.07
N GLU B 167 7.44 -18.79 4.07
CA GLU B 167 8.91 -18.98 4.20
C GLU B 167 9.67 -17.62 4.18
N GLY B 168 8.96 -16.53 3.88
CA GLY B 168 9.56 -15.19 3.80
C GLY B 168 10.21 -14.85 2.46
N GLY B 169 10.72 -13.63 2.31
CA GLY B 169 11.46 -13.29 1.10
C GLY B 169 10.73 -12.54 -0.01
N LYS B 170 9.39 -12.64 -0.03
CA LYS B 170 8.58 -12.13 -1.14
C LYS B 170 7.31 -11.52 -0.54
N ASP B 171 7.13 -10.20 -0.61
CA ASP B 171 6.03 -9.53 0.09
C ASP B 171 5.84 -8.13 -0.53
N SER B 172 4.71 -7.50 -0.28
CA SER B 172 4.56 -6.04 -0.38
C SER B 172 5.21 -5.38 0.85
N CYS B 173 5.32 -4.05 0.81
CA CYS B 173 6.10 -3.36 1.85
C CYS B 173 5.65 -1.90 1.92
N GLN B 174 6.28 -1.14 2.82
CA GLN B 174 5.88 0.29 2.95
C GLN B 174 6.06 1.00 1.61
N GLY B 175 5.05 1.79 1.24
CA GLY B 175 5.00 2.43 -0.06
C GLY B 175 4.07 1.72 -1.05
N ASP B 176 3.71 0.47 -0.73
CA ASP B 176 2.76 -0.29 -1.55
C ASP B 176 1.29 -0.19 -1.12
N SER B 177 0.99 0.25 0.13
CA SER B 177 -0.40 0.39 0.60
C SER B 177 -1.28 0.99 -0.45
N GLY B 178 -2.45 0.39 -0.58
CA GLY B 178 -3.55 0.89 -1.44
C GLY B 178 -3.46 0.34 -2.86
N GLY B 179 -2.34 -0.29 -3.19
CA GLY B 179 -2.13 -0.81 -4.56
C GLY B 179 -2.84 -2.17 -4.76
N PRO B 180 -2.85 -2.62 -6.01
CA PRO B 180 -3.63 -3.79 -6.39
C PRO B 180 -3.07 -5.19 -6.01
N VAL B 181 -4.06 -6.08 -5.82
CA VAL B 181 -3.82 -7.54 -5.83
C VAL B 181 -4.84 -8.04 -6.85
N VAL B 182 -4.31 -8.44 -8.01
CA VAL B 182 -5.17 -8.83 -9.12
C VAL B 182 -5.08 -10.34 -9.32
N CYS B 183 -6.23 -10.99 -9.45
CA CYS B 183 -6.22 -12.50 -9.51
C CYS B 183 -7.20 -12.86 -10.62
N SER B 184 -6.70 -13.63 -11.59
CA SER B 184 -7.50 -13.96 -12.78
C SER B 184 -8.18 -12.72 -13.40
N GLY B 185 -7.43 -11.61 -13.53
CA GLY B 185 -7.93 -10.40 -14.18
C GLY B 185 -8.97 -9.60 -13.40
N LYS B 186 -9.11 -9.89 -12.11
CA LYS B 186 -10.10 -9.20 -11.25
C LYS B 186 -9.33 -8.59 -10.07
N LEU B 187 -9.71 -7.35 -9.65
CA LEU B 187 -9.16 -6.71 -8.42
C LEU B 187 -9.71 -7.37 -7.16
N GLN B 188 -8.91 -8.28 -6.56
CA GLN B 188 -9.43 -8.95 -5.38
C GLN B 188 -8.95 -8.38 -4.06
N GLY B 189 -7.82 -7.68 -4.10
CA GLY B 189 -7.24 -7.22 -2.83
C GLY B 189 -6.66 -5.79 -2.98
N ILE B 190 -6.50 -5.16 -1.82
CA ILE B 190 -5.75 -3.89 -1.73
C ILE B 190 -4.65 -4.08 -0.68
N VAL B 191 -3.43 -3.64 -0.99
CA VAL B 191 -2.32 -3.68 -0.04
C VAL B 191 -2.73 -2.92 1.23
N SER B 192 -2.61 -3.60 2.37
CA SER B 192 -3.12 -2.99 3.62
C SER B 192 -2.07 -2.96 4.74
N TRP B 193 -1.71 -4.12 5.26
CA TRP B 193 -0.75 -4.14 6.37
C TRP B 193 -0.06 -5.49 6.51
N GLY B 194 0.94 -5.52 7.42
CA GLY B 194 1.69 -6.76 7.66
C GLY B 194 2.66 -6.47 8.79
N SER B 195 3.20 -7.51 9.39
CA SER B 195 4.25 -7.37 10.38
C SER B 195 5.62 -7.44 9.74
N GLY B 196 6.34 -6.33 9.73
CA GLY B 196 7.49 -6.18 8.87
C GLY B 196 7.20 -6.37 7.41
N CYS B 197 8.21 -6.71 6.64
CA CYS B 197 8.02 -7.07 5.23
C CYS B 197 8.84 -8.33 4.93
N ALA B 198 8.22 -9.27 4.24
CA ALA B 198 8.91 -10.47 3.73
C ALA B 198 9.53 -11.33 4.88
N GLN B 199 9.02 -11.13 6.09
CA GLN B 199 9.43 -11.95 7.23
C GLN B 199 8.72 -13.31 7.21
N LYS B 200 9.41 -14.28 7.78
CA LYS B 200 8.88 -15.60 7.95
C LYS B 200 7.59 -15.60 8.80
N ASN B 201 6.57 -16.31 8.32
CA ASN B 201 5.28 -16.47 8.99
C ASN B 201 4.52 -15.15 9.22
N LYS B 202 4.86 -14.12 8.41
CA LYS B 202 4.26 -12.81 8.56
C LYS B 202 3.86 -12.32 7.13
N PRO B 203 2.88 -12.99 6.52
CA PRO B 203 2.54 -12.69 5.11
C PRO B 203 1.82 -11.29 5.02
N GLY B 204 1.70 -10.76 3.83
CA GLY B 204 0.97 -9.49 3.67
C GLY B 204 -0.51 -9.70 3.98
N VAL B 205 -1.16 -8.67 4.52
CA VAL B 205 -2.62 -8.72 4.77
C VAL B 205 -3.33 -7.68 3.85
N TYR B 206 -4.45 -8.09 3.22
CA TYR B 206 -4.99 -7.37 2.08
C TYR B 206 -6.52 -7.18 2.24
N THR B 207 -7.03 -5.98 1.94
CA THR B 207 -8.48 -5.80 1.99
C THR B 207 -9.18 -6.67 0.97
N LYS B 208 -10.24 -7.35 1.43
CA LYS B 208 -11.02 -8.28 0.61
C LYS B 208 -12.08 -7.51 -0.24
N VAL B 209 -11.67 -7.11 -1.45
CA VAL B 209 -12.40 -6.27 -2.35
C VAL B 209 -13.80 -6.85 -2.69
N CYS B 210 -13.89 -8.18 -2.82
CA CYS B 210 -15.21 -8.78 -3.16
C CYS B 210 -16.33 -8.50 -2.15
N ASN B 211 -15.95 -8.13 -0.89
CA ASN B 211 -16.89 -7.77 0.17
C ASN B 211 -17.44 -6.32 0.04
N TYR B 212 -17.00 -5.61 -0.98
CA TYR B 212 -17.27 -4.15 -1.12
C TYR B 212 -17.82 -3.80 -2.48
N VAL B 213 -18.15 -4.78 -3.31
CA VAL B 213 -18.49 -4.47 -4.71
C VAL B 213 -19.82 -3.65 -4.78
N SER B 214 -20.79 -3.93 -3.91
CA SER B 214 -21.98 -3.08 -3.87
C SER B 214 -21.67 -1.66 -3.37
N TRP B 215 -20.88 -1.57 -2.32
CA TRP B 215 -20.47 -0.24 -1.81
C TRP B 215 -19.78 0.63 -2.88
N ILE B 216 -18.91 0.01 -3.68
CA ILE B 216 -18.16 0.67 -4.75
C ILE B 216 -19.14 1.22 -5.82
N LYS B 217 -19.98 0.31 -6.33
CA LYS B 217 -21.04 0.65 -7.26
C LYS B 217 -21.99 1.75 -6.76
N GLN B 218 -22.41 1.68 -5.50
CA GLN B 218 -23.33 2.68 -4.94
C GLN B 218 -22.66 4.03 -4.69
N THR B 219 -21.40 3.98 -4.29
CA THR B 219 -20.62 5.19 -4.07
C THR B 219 -20.36 5.93 -5.39
N ILE B 220 -20.03 5.17 -6.43
CA ILE B 220 -19.86 5.70 -7.77
C ILE B 220 -21.18 6.34 -8.28
N ALA B 221 -22.29 5.60 -8.16
CA ALA B 221 -23.60 6.13 -8.58
C ALA B 221 -24.02 7.41 -7.83
N SER B 222 -23.54 7.57 -6.61
CA SER B 222 -23.98 8.59 -5.67
C SER B 222 -23.13 9.88 -5.72
N ASN B 223 -22.05 9.86 -6.50
CA ASN B 223 -21.03 10.91 -6.45
C ASN B 223 -20.47 11.26 -7.81
CA CA C . 7.27 8.75 -15.00
#